data_4H8K
#
_entry.id   4H8K
#
_cell.length_a   42.613
_cell.length_b   90.758
_cell.length_c   55.605
_cell.angle_alpha   90.00
_cell.angle_beta   97.82
_cell.angle_gamma   90.00
#
_symmetry.space_group_name_H-M   'P 1 21 1'
#
loop_
_entity.id
_entity.type
_entity.pdbx_description
1 polymer 'Ribonuclease H'
2 polymer "RNA (5'-R(*CP*GP*AP*CP*AP*CP*CP*UP*GP*AP*UP*UP*CP*C)-3')"
3 polymer "DNA (5'-D(*GP*GP*AP*AP*TP*CP*AP*GP*GP*TP*GP*TP*CP*G)-3')"
4 water water
#
loop_
_entity_poly.entity_id
_entity_poly.type
_entity_poly.pdbx_seq_one_letter_code
_entity_poly.pdbx_strand_id
1 'polypeptide(L)'
;MNKIIIYTDGGARGNPGPAGIGVVITDEKGNTLHESSAYIGETTNNVAEYEALIRALEDLQMFGDKLVDMEVEVRMNSEL
IVRQMQGVYKVKEPTLKEKFAKIAHIKMERVPNLVFVHIPREKNARADELVNEAIDKALS
;
A,B
2 'polyribonucleotide' CGACACCUGAUUCC C
3 'polydeoxyribonucleotide' (DG)(DG)(DA)(DA)(DT)(DC)(DA)(DG)(DG)(DT)(DG)(DT)(DC)(DG) D
#
# COMPACT_ATOMS: atom_id res chain seq x y z
N LYS A 3 -35.67 10.04 9.91
CA LYS A 3 -34.81 9.51 8.87
C LYS A 3 -33.68 8.73 9.48
N ILE A 4 -33.35 7.60 8.86
CA ILE A 4 -32.25 6.78 9.31
C ILE A 4 -31.15 6.75 8.30
N ILE A 5 -29.95 7.03 8.74
CA ILE A 5 -28.81 7.05 7.85
C ILE A 5 -27.89 5.98 8.33
N ILE A 6 -27.50 5.09 7.46
CA ILE A 6 -26.70 3.99 7.86
C ILE A 6 -25.40 4.06 7.14
N TYR A 7 -24.31 3.78 7.83
CA TYR A 7 -23.01 3.72 7.22
C TYR A 7 -22.43 2.32 7.29
N THR A 8 -21.92 1.88 6.16
CA THR A 8 -21.59 0.51 5.93
C THR A 8 -20.19 0.30 5.42
N ASP A 9 -19.45 -0.62 5.99
CA ASP A 9 -18.16 -0.86 5.43
C ASP A 9 -17.64 -2.26 5.53
N GLY A 10 -16.76 -2.61 4.62
CA GLY A 10 -16.14 -3.89 4.65
C GLY A 10 -14.73 -3.82 4.17
N GLY A 11 -13.92 -4.77 4.57
CA GLY A 11 -12.62 -4.94 4.01
C GLY A 11 -12.20 -6.38 4.11
N ALA A 12 -11.35 -6.82 3.22
CA ALA A 12 -10.73 -8.12 3.29
C ALA A 12 -9.25 -8.01 3.04
N ARG A 13 -8.45 -8.49 3.95
CA ARG A 13 -7.02 -8.36 3.82
C ARG A 13 -6.45 -9.51 3.04
N GLY A 14 -5.91 -9.18 1.88
CA GLY A 14 -5.46 -10.11 0.89
C GLY A 14 -6.43 -10.46 -0.21
N ASN A 15 -7.69 -10.12 -0.07
CA ASN A 15 -8.63 -10.21 -1.16
C ASN A 15 -8.61 -11.40 -2.09
N PRO A 16 -8.95 -12.58 -1.65
CA PRO A 16 -9.54 -12.88 -0.36
C PRO A 16 -8.61 -12.95 0.84
N GLY A 17 -9.17 -12.80 2.02
CA GLY A 17 -8.41 -12.85 3.25
C GLY A 17 -9.23 -12.49 4.46
N PRO A 18 -8.61 -12.33 5.61
CA PRO A 18 -9.35 -12.00 6.82
C PRO A 18 -10.16 -10.76 6.63
N ALA A 19 -11.43 -10.83 6.99
CA ALA A 19 -12.41 -9.89 6.56
C ALA A 19 -13.30 -9.43 7.68
N GLY A 20 -13.86 -8.26 7.55
CA GLY A 20 -14.66 -7.66 8.55
C GLY A 20 -15.71 -6.69 8.06
N ILE A 21 -16.68 -6.40 8.90
CA ILE A 21 -17.74 -5.49 8.58
C ILE A 21 -17.87 -4.44 9.65
N GLY A 22 -18.31 -3.26 9.24
CA GLY A 22 -18.57 -2.14 10.10
C GLY A 22 -19.90 -1.50 9.80
N VAL A 23 -20.64 -1.16 10.83
CA VAL A 23 -21.91 -0.48 10.71
C VAL A 23 -22.13 0.70 11.69
N VAL A 24 -22.53 1.84 11.16
CA VAL A 24 -22.93 2.97 11.98
C VAL A 24 -24.33 3.37 11.59
N ILE A 25 -25.20 3.57 12.55
CA ILE A 25 -26.56 4.00 12.29
C ILE A 25 -26.88 5.31 12.96
N THR A 26 -27.49 6.22 12.24
CA THR A 26 -27.66 7.56 12.71
C THR A 26 -29.00 8.09 12.33
N ASP A 27 -29.42 9.13 13.01
CA ASP A 27 -30.60 9.87 12.63
C ASP A 27 -30.20 11.08 11.83
N GLU A 28 -31.17 11.87 11.45
CA GLU A 28 -30.96 13.02 10.58
C GLU A 28 -30.09 14.05 11.25
N LYS A 29 -30.08 14.02 12.58
CA LYS A 29 -29.43 15.00 13.40
C LYS A 29 -28.04 14.56 13.77
N GLY A 30 -27.58 13.51 13.12
CA GLY A 30 -26.24 13.01 13.36
C GLY A 30 -26.09 12.29 14.67
N ASN A 31 -27.21 11.81 15.19
CA ASN A 31 -27.20 11.00 16.37
C ASN A 31 -26.83 9.60 16.02
N THR A 32 -25.98 8.98 16.83
CA THR A 32 -25.53 7.64 16.59
C THR A 32 -26.36 6.69 17.39
N LEU A 33 -27.35 6.10 16.75
CA LEU A 33 -28.23 5.09 17.32
C LEU A 33 -27.64 3.72 17.64
N HIS A 34 -26.77 3.21 16.79
CA HIS A 34 -26.19 1.90 17.03
C HIS A 34 -24.92 1.67 16.23
N GLU A 35 -24.03 0.87 16.76
CA GLU A 35 -22.84 0.48 16.03
C GLU A 35 -22.66 -1.02 16.04
N SER A 36 -22.25 -1.56 14.90
CA SER A 36 -22.01 -2.98 14.74
C SER A 36 -20.67 -3.23 14.11
N SER A 37 -20.01 -4.27 14.56
CA SER A 37 -18.74 -4.64 14.02
C SER A 37 -18.47 -6.12 14.18
N ALA A 38 -17.92 -6.77 13.18
CA ALA A 38 -17.66 -8.19 13.27
C ALA A 38 -16.58 -8.74 12.34
N TYR A 39 -15.85 -9.75 12.81
CA TYR A 39 -14.99 -10.54 11.97
C TYR A 39 -15.79 -11.61 11.31
N ILE A 40 -15.68 -11.75 10.02
CA ILE A 40 -16.46 -12.71 9.29
C ILE A 40 -15.69 -13.85 8.66
N GLY A 41 -14.45 -14.05 8.99
CA GLY A 41 -13.65 -15.01 8.30
C GLY A 41 -12.91 -14.45 7.11
N GLU A 42 -12.46 -15.30 6.21
CA GLU A 42 -11.79 -14.86 5.01
C GLU A 42 -12.75 -14.86 3.84
N THR A 43 -12.85 -13.73 3.18
CA THR A 43 -13.75 -13.54 2.07
C THR A 43 -13.19 -12.54 1.08
N THR A 44 -13.93 -12.29 0.03
CA THR A 44 -13.60 -11.28 -0.93
C THR A 44 -13.97 -9.90 -0.44
N ASN A 45 -13.43 -8.91 -1.07
CA ASN A 45 -13.73 -7.56 -0.73
C ASN A 45 -15.19 -7.26 -0.92
N ASN A 46 -15.73 -7.69 -2.04
CA ASN A 46 -17.13 -7.50 -2.33
C ASN A 46 -18.16 -8.20 -1.43
N VAL A 47 -17.86 -9.42 -1.04
CA VAL A 47 -18.70 -10.13 -0.13
C VAL A 47 -18.77 -9.41 1.19
N ALA A 48 -17.64 -8.88 1.64
CA ALA A 48 -17.59 -8.16 2.88
C ALA A 48 -18.49 -6.94 2.86
N GLU A 49 -18.52 -6.24 1.75
CA GLU A 49 -19.41 -5.10 1.65
C GLU A 49 -20.87 -5.46 1.77
N TYR A 50 -21.30 -6.52 1.13
CA TYR A 50 -22.68 -6.98 1.17
C TYR A 50 -23.09 -7.43 2.56
N GLU A 51 -22.18 -8.13 3.22
CA GLU A 51 -22.43 -8.60 4.54
C GLU A 51 -22.62 -7.49 5.53
N ALA A 52 -21.91 -6.41 5.37
CA ALA A 52 -22.11 -5.27 6.21
C ALA A 52 -23.49 -4.73 5.99
N LEU A 53 -23.93 -4.67 4.75
CA LEU A 53 -25.26 -4.21 4.43
C LEU A 53 -26.29 -5.12 5.01
N ILE A 54 -26.05 -6.42 4.94
CA ILE A 54 -26.97 -7.36 5.51
C ILE A 54 -27.05 -7.21 6.98
N ARG A 55 -25.91 -7.09 7.63
CA ARG A 55 -25.88 -6.91 9.05
C ARG A 55 -26.55 -5.62 9.43
N ALA A 56 -26.35 -4.58 8.65
CA ALA A 56 -26.95 -3.31 8.96
C ALA A 56 -28.47 -3.38 8.93
N LEU A 57 -28.99 -4.04 7.94
CA LEU A 57 -30.41 -4.26 7.83
C LEU A 57 -30.93 -5.10 8.97
N GLU A 58 -30.15 -6.06 9.44
CA GLU A 58 -30.51 -6.82 10.60
C GLU A 58 -30.60 -5.98 11.85
N ASP A 59 -29.59 -5.19 12.07
CA ASP A 59 -29.57 -4.32 13.22
C ASP A 59 -30.79 -3.41 13.23
N LEU A 60 -31.24 -3.01 12.06
CA LEU A 60 -32.36 -2.09 11.95
C LEU A 60 -33.60 -2.46 12.72
N GLN A 61 -33.77 -3.70 13.06
CA GLN A 61 -34.90 -4.07 13.86
C GLN A 61 -34.80 -3.65 15.32
N MET A 62 -33.58 -3.53 15.81
CA MET A 62 -33.39 -3.36 17.23
C MET A 62 -34.17 -2.09 17.49
N PHE A 63 -34.71 -1.55 16.42
CA PHE A 63 -35.55 -0.39 16.51
C PHE A 63 -36.98 -0.78 16.30
N GLY A 64 -37.25 -1.99 16.72
CA GLY A 64 -38.60 -2.45 16.87
C GLY A 64 -39.04 -3.05 15.58
N ASP A 65 -39.92 -4.05 15.66
CA ASP A 65 -40.42 -4.73 14.47
C ASP A 65 -41.92 -4.48 14.30
N LYS A 66 -42.31 -3.23 14.47
CA LYS A 66 -43.70 -2.84 14.41
C LYS A 66 -43.85 -1.55 13.61
N LEU A 67 -42.82 -0.72 13.69
CA LEU A 67 -42.80 0.69 13.43
C LEU A 67 -42.04 1.12 12.22
N VAL A 68 -42.71 1.62 11.18
CA VAL A 68 -42.00 2.09 10.01
C VAL A 68 -42.68 3.06 9.03
N ASP A 69 -42.10 3.09 7.83
CA ASP A 69 -42.52 3.97 6.77
C ASP A 69 -41.85 5.28 7.11
N MET A 70 -40.63 5.18 7.64
CA MET A 70 -39.76 6.32 7.81
C MET A 70 -38.50 5.92 7.05
N GLU A 71 -37.95 6.86 6.31
CA GLU A 71 -36.98 6.62 5.26
C GLU A 71 -35.68 6.06 5.78
N VAL A 72 -34.98 5.33 4.92
CA VAL A 72 -33.66 4.86 5.22
C VAL A 72 -32.71 5.14 4.08
N GLU A 73 -31.57 5.72 4.39
CA GLU A 73 -30.58 5.94 3.38
C GLU A 73 -29.34 5.18 3.72
N VAL A 74 -28.86 4.38 2.79
CA VAL A 74 -27.62 3.70 3.04
C VAL A 74 -26.50 4.40 2.32
N ARG A 75 -25.51 4.81 3.08
CA ARG A 75 -24.35 5.43 2.53
C ARG A 75 -23.17 4.51 2.61
N MET A 76 -22.60 4.18 1.48
CA MET A 76 -21.45 3.30 1.48
C MET A 76 -20.40 3.61 0.44
N ASN A 77 -19.18 3.25 0.74
CA ASN A 77 -18.09 3.39 -0.19
C ASN A 77 -17.91 2.17 -1.09
N SER A 78 -18.92 1.84 -1.88
CA SER A 78 -18.78 0.83 -2.90
C SER A 78 -19.71 1.10 -4.05
N GLU A 79 -19.16 1.50 -5.17
CA GLU A 79 -19.95 1.74 -6.35
C GLU A 79 -20.63 0.47 -6.80
N LEU A 80 -19.92 -0.64 -6.75
CA LEU A 80 -20.46 -1.88 -7.21
C LEU A 80 -21.76 -2.13 -6.56
N ILE A 81 -21.76 -2.16 -5.25
CA ILE A 81 -22.91 -2.56 -4.50
C ILE A 81 -24.01 -1.56 -4.54
N VAL A 82 -23.63 -0.31 -4.50
CA VAL A 82 -24.61 0.73 -4.57
C VAL A 82 -25.30 0.73 -5.90
N ARG A 83 -24.54 0.64 -6.98
CA ARG A 83 -25.12 0.56 -8.31
C ARG A 83 -25.92 -0.71 -8.50
N GLN A 84 -25.45 -1.81 -7.97
CA GLN A 84 -26.20 -3.01 -8.11
C GLN A 84 -27.52 -2.84 -7.44
N MET A 85 -27.54 -2.26 -6.25
CA MET A 85 -28.79 -2.10 -5.55
C MET A 85 -29.70 -1.21 -6.34
N GLN A 86 -29.11 -0.24 -7.00
CA GLN A 86 -29.85 0.77 -7.70
C GLN A 86 -30.41 0.31 -9.02
N GLY A 87 -30.01 -0.85 -9.48
CA GLY A 87 -30.45 -1.37 -10.75
C GLY A 87 -29.57 -0.94 -11.88
N VAL A 88 -28.60 -0.11 -11.56
CA VAL A 88 -27.59 0.32 -12.49
C VAL A 88 -26.63 -0.74 -12.99
N TYR A 89 -26.32 -1.72 -12.16
CA TYR A 89 -25.39 -2.76 -12.51
C TYR A 89 -26.08 -4.07 -12.42
N LYS A 90 -25.74 -4.98 -13.28
CA LYS A 90 -26.20 -6.33 -13.12
C LYS A 90 -25.46 -6.95 -11.97
N VAL A 91 -25.94 -7.97 -11.51
CA VAL A 91 -25.30 -8.78 -10.50
C VAL A 91 -25.04 -10.14 -11.10
N LYS A 92 -23.90 -10.61 -11.25
CA LYS A 92 -23.60 -11.80 -12.01
C LYS A 92 -22.97 -12.88 -11.20
N GLU A 93 -22.01 -12.53 -10.38
CA GLU A 93 -21.25 -13.50 -9.67
C GLU A 93 -22.20 -14.24 -8.74
N PRO A 94 -22.04 -15.54 -8.60
CA PRO A 94 -23.04 -16.34 -7.94
C PRO A 94 -23.27 -16.01 -6.49
N THR A 95 -22.21 -15.91 -5.74
CA THR A 95 -22.31 -15.59 -4.33
C THR A 95 -22.88 -14.22 -4.09
N LEU A 96 -22.52 -13.26 -4.92
CA LEU A 96 -23.06 -11.94 -4.79
C LEU A 96 -24.55 -11.95 -5.06
N LYS A 97 -24.98 -12.79 -5.97
CA LYS A 97 -26.36 -12.84 -6.32
C LYS A 97 -27.18 -13.26 -5.13
N GLU A 98 -26.68 -14.22 -4.39
CA GLU A 98 -27.32 -14.67 -3.20
C GLU A 98 -27.40 -13.57 -2.17
N LYS A 99 -26.34 -12.80 -2.01
CA LYS A 99 -26.37 -11.69 -1.09
C LYS A 99 -27.38 -10.68 -1.53
N PHE A 100 -27.48 -10.45 -2.80
CA PHE A 100 -28.45 -9.53 -3.28
C PHE A 100 -29.84 -9.99 -2.95
N ALA A 101 -30.07 -11.28 -3.11
CA ALA A 101 -31.35 -11.87 -2.86
C ALA A 101 -31.72 -11.80 -1.41
N LYS A 102 -30.77 -12.02 -0.53
CA LYS A 102 -31.07 -11.93 0.87
C LYS A 102 -31.53 -10.53 1.13
N ILE A 103 -30.84 -9.56 0.59
CA ILE A 103 -31.24 -8.19 0.81
C ILE A 103 -32.59 -7.83 0.23
N ALA A 104 -32.88 -8.28 -0.96
CA ALA A 104 -34.11 -7.89 -1.59
C ALA A 104 -35.23 -8.36 -0.71
N HIS A 105 -35.02 -9.50 -0.09
CA HIS A 105 -36.04 -10.06 0.77
C HIS A 105 -36.35 -9.22 1.98
N ILE A 106 -35.33 -8.77 2.67
CA ILE A 106 -35.51 -7.97 3.85
C ILE A 106 -36.21 -6.70 3.46
N LYS A 107 -35.86 -6.18 2.31
CA LYS A 107 -36.56 -5.02 1.87
C LYS A 107 -38.00 -5.45 1.69
N MET A 108 -38.23 -6.63 1.13
CA MET A 108 -39.58 -7.06 0.83
C MET A 108 -40.39 -7.19 2.09
N GLU A 109 -39.86 -7.89 3.07
CA GLU A 109 -40.51 -7.98 4.37
C GLU A 109 -40.59 -6.69 5.16
N ARG A 110 -39.48 -6.00 5.32
CA ARG A 110 -39.40 -5.00 6.34
C ARG A 110 -39.05 -3.57 6.01
N VAL A 111 -38.28 -3.32 4.97
CA VAL A 111 -37.71 -1.99 4.83
C VAL A 111 -37.90 -1.37 3.47
N PRO A 112 -39.12 -1.04 3.15
CA PRO A 112 -39.49 -0.55 1.82
C PRO A 112 -38.87 0.78 1.41
N ASN A 113 -38.72 1.71 2.32
CA ASN A 113 -38.16 2.97 1.95
C ASN A 113 -36.66 3.00 2.02
N LEU A 114 -35.99 2.23 1.19
CA LEU A 114 -34.56 2.03 1.28
C LEU A 114 -33.85 2.66 0.13
N VAL A 115 -32.87 3.48 0.40
CA VAL A 115 -32.18 4.18 -0.66
C VAL A 115 -30.71 4.08 -0.49
N PHE A 116 -29.99 4.17 -1.60
CA PHE A 116 -28.56 3.97 -1.60
C PHE A 116 -27.74 5.10 -2.21
N VAL A 117 -26.68 5.49 -1.51
CA VAL A 117 -25.80 6.56 -1.93
C VAL A 117 -24.34 6.19 -1.89
N HIS A 118 -23.61 6.36 -2.97
CA HIS A 118 -22.20 6.10 -2.91
C HIS A 118 -21.43 7.25 -2.36
N ILE A 119 -20.44 6.97 -1.55
CA ILE A 119 -19.65 8.00 -0.91
C ILE A 119 -18.15 7.71 -0.95
N PRO A 120 -17.37 8.75 -0.82
CA PRO A 120 -15.91 8.70 -0.86
C PRO A 120 -15.25 8.11 0.36
N ARG A 121 -14.03 7.66 0.21
CA ARG A 121 -13.37 6.89 1.23
C ARG A 121 -13.26 7.68 2.50
N GLU A 122 -13.04 8.95 2.35
CA GLU A 122 -12.77 9.83 3.47
C GLU A 122 -13.92 9.97 4.44
N LYS A 123 -15.14 9.86 3.96
CA LYS A 123 -16.33 10.15 4.76
C LYS A 123 -16.88 8.96 5.52
N ASN A 124 -16.17 7.85 5.43
CA ASN A 124 -16.59 6.58 5.97
C ASN A 124 -15.65 6.05 7.02
N ALA A 125 -14.96 6.94 7.71
CA ALA A 125 -13.92 6.56 8.64
C ALA A 125 -14.35 5.76 9.84
N ARG A 126 -15.46 6.12 10.45
CA ARG A 126 -15.92 5.40 11.60
C ARG A 126 -16.30 3.98 11.27
N ALA A 127 -17.05 3.78 10.20
CA ALA A 127 -17.40 2.43 9.83
C ALA A 127 -16.16 1.64 9.53
N ASP A 128 -15.22 2.25 8.82
CA ASP A 128 -13.96 1.65 8.49
C ASP A 128 -13.14 1.36 9.71
N GLU A 129 -13.31 2.14 10.77
CA GLU A 129 -12.62 1.88 12.01
C GLU A 129 -13.06 0.59 12.59
N LEU A 130 -14.36 0.39 12.53
CA LEU A 130 -15.00 -0.80 13.01
C LEU A 130 -14.57 -2.05 12.26
N VAL A 131 -14.41 -1.97 10.96
CA VAL A 131 -13.99 -3.09 10.20
C VAL A 131 -12.66 -3.54 10.68
N ASN A 132 -11.74 -2.62 10.74
CA ASN A 132 -10.40 -2.89 11.21
C ASN A 132 -10.25 -3.26 12.66
N GLU A 133 -11.10 -2.71 13.50
CA GLU A 133 -11.10 -3.05 14.89
C GLU A 133 -11.42 -4.51 15.01
N ALA A 134 -12.46 -4.95 14.33
CA ALA A 134 -12.91 -6.32 14.36
C ALA A 134 -11.92 -7.32 13.80
N ILE A 135 -11.30 -7.00 12.69
CA ILE A 135 -10.25 -7.81 12.12
C ILE A 135 -9.00 -7.87 12.96
N ASP A 136 -8.61 -6.76 13.51
CA ASP A 136 -7.43 -6.74 14.32
C ASP A 136 -7.63 -7.60 15.53
N LYS A 137 -8.79 -7.49 16.13
CA LYS A 137 -9.05 -8.28 17.30
C LYS A 137 -9.05 -9.76 16.97
N ALA A 138 -9.63 -10.13 15.85
CA ALA A 138 -9.63 -11.51 15.49
C ALA A 138 -8.23 -12.05 15.24
N LEU A 139 -7.35 -11.25 14.69
CA LEU A 139 -6.05 -11.75 14.35
C LEU A 139 -5.16 -11.73 15.55
N SER A 140 -5.67 -11.17 16.62
CA SER A 140 -4.90 -11.06 17.82
C SER A 140 -5.38 -12.09 18.79
N LYS B 3 35.39 -11.21 -7.67
CA LYS B 3 34.00 -10.79 -7.57
C LYS B 3 33.85 -9.53 -6.75
N ILE B 4 33.11 -8.56 -7.26
CA ILE B 4 32.88 -7.35 -6.50
C ILE B 4 31.50 -7.26 -5.99
N ILE B 5 31.39 -6.90 -4.73
CA ILE B 5 30.12 -6.70 -4.13
C ILE B 5 29.99 -5.27 -3.71
N ILE B 6 28.90 -4.66 -4.09
CA ILE B 6 28.65 -3.30 -3.70
C ILE B 6 27.43 -3.21 -2.81
N TYR B 7 27.54 -2.37 -1.80
CA TYR B 7 26.44 -2.10 -0.93
C TYR B 7 26.07 -0.65 -1.10
N THR B 8 24.79 -0.39 -1.26
CA THR B 8 24.28 0.92 -1.59
C THR B 8 23.20 1.31 -0.63
N ASP B 9 23.14 2.56 -0.22
CA ASP B 9 22.02 3.04 0.55
C ASP B 9 21.71 4.50 0.38
N GLY B 10 20.48 4.87 0.63
CA GLY B 10 20.05 6.25 0.58
C GLY B 10 18.98 6.54 1.59
N GLY B 11 18.87 7.78 1.98
CA GLY B 11 17.80 8.22 2.83
C GLY B 11 17.39 9.64 2.57
N ALA B 12 16.13 9.95 2.80
CA ALA B 12 15.66 11.30 2.69
C ALA B 12 14.77 11.71 3.86
N ARG B 13 15.16 12.75 4.56
CA ARG B 13 14.48 13.10 5.79
C ARG B 13 13.30 13.97 5.53
N GLY B 14 12.13 13.41 5.77
CA GLY B 14 10.86 14.02 5.47
C GLY B 14 10.25 13.60 4.15
N ASN B 15 11.00 12.94 3.30
CA ASN B 15 10.45 12.27 2.14
C ASN B 15 9.38 12.99 1.38
N PRO B 16 9.72 14.03 0.62
CA PRO B 16 11.08 14.44 0.30
C PRO B 16 11.77 15.27 1.34
N GLY B 17 13.10 15.27 1.32
CA GLY B 17 13.84 16.05 2.26
C GLY B 17 15.32 15.88 2.19
N PRO B 18 16.03 16.38 3.17
CA PRO B 18 17.47 16.35 3.12
C PRO B 18 17.95 14.92 3.05
N ALA B 19 18.81 14.64 2.08
CA ALA B 19 19.04 13.33 1.61
C ALA B 19 20.49 13.01 1.40
N GLY B 20 20.83 11.74 1.49
CA GLY B 20 22.19 11.30 1.48
C GLY B 20 22.37 9.95 0.88
N ILE B 21 23.59 9.62 0.53
CA ILE B 21 23.89 8.38 -0.11
C ILE B 21 25.09 7.76 0.54
N GLY B 22 25.15 6.44 0.52
CA GLY B 22 26.28 5.70 1.03
C GLY B 22 26.62 4.50 0.19
N VAL B 23 27.91 4.26 0.04
CA VAL B 23 28.41 3.21 -0.77
C VAL B 23 29.48 2.42 -0.06
N VAL B 24 29.39 1.12 -0.09
CA VAL B 24 30.46 0.31 0.41
C VAL B 24 30.79 -0.70 -0.63
N ILE B 25 32.06 -0.79 -0.94
CA ILE B 25 32.56 -1.71 -1.91
C ILE B 25 33.52 -2.68 -1.25
N THR B 26 33.31 -3.96 -1.47
CA THR B 26 34.14 -4.97 -0.88
C THR B 26 34.41 -6.02 -1.90
N ASP B 27 35.39 -6.85 -1.63
CA ASP B 27 35.65 -8.03 -2.40
C ASP B 27 34.91 -9.20 -1.81
N GLU B 28 35.14 -10.36 -2.37
CA GLU B 28 34.36 -11.53 -2.03
C GLU B 28 34.51 -11.82 -0.56
N LYS B 29 35.68 -11.59 -0.01
CA LYS B 29 35.95 -11.90 1.39
C LYS B 29 35.48 -10.85 2.35
N GLY B 30 34.90 -9.78 1.86
CA GLY B 30 34.36 -8.80 2.77
C GLY B 30 35.30 -7.75 3.25
N ASN B 31 36.45 -7.68 2.61
CA ASN B 31 37.36 -6.56 2.81
C ASN B 31 36.77 -5.31 2.18
N THR B 32 36.82 -4.19 2.87
CA THR B 32 36.28 -2.98 2.30
C THR B 32 37.32 -2.34 1.41
N LEU B 33 37.08 -2.43 0.12
CA LEU B 33 37.77 -1.70 -0.91
C LEU B 33 37.56 -0.19 -0.96
N HIS B 34 36.37 0.29 -0.69
CA HIS B 34 36.12 1.71 -0.80
C HIS B 34 34.87 2.11 -0.09
N GLU B 35 34.79 3.36 0.36
CA GLU B 35 33.55 3.89 0.88
C GLU B 35 33.30 5.26 0.33
N SER B 36 32.05 5.62 0.13
CA SER B 36 31.71 6.96 -0.26
C SER B 36 30.55 7.44 0.56
N SER B 37 30.51 8.70 0.92
CA SER B 37 29.36 9.24 1.58
C SER B 37 29.08 10.60 0.98
N ALA B 38 27.84 10.98 0.77
CA ALA B 38 27.57 12.28 0.22
C ALA B 38 26.20 12.82 0.53
N TYR B 39 26.07 14.13 0.58
CA TYR B 39 24.80 14.82 0.70
C TYR B 39 24.35 15.28 -0.66
N ILE B 40 23.11 14.98 -0.98
CA ILE B 40 22.59 15.23 -2.29
C ILE B 40 21.46 16.22 -2.40
N GLY B 41 21.31 17.09 -1.41
CA GLY B 41 20.22 18.05 -1.41
C GLY B 41 18.93 17.47 -0.95
N GLU B 42 17.82 18.10 -1.26
CA GLU B 42 16.54 17.53 -0.90
C GLU B 42 15.89 16.73 -2.02
N THR B 43 15.67 15.46 -1.77
CA THR B 43 15.07 14.55 -2.72
C THR B 43 14.09 13.59 -2.09
N THR B 44 13.49 12.78 -2.92
CA THR B 44 12.67 11.69 -2.50
C THR B 44 13.59 10.58 -2.10
N ASN B 45 13.03 9.63 -1.38
CA ASN B 45 13.71 8.44 -0.96
C ASN B 45 14.17 7.60 -2.11
N ASN B 46 13.30 7.42 -3.07
CA ASN B 46 13.64 6.61 -4.20
C ASN B 46 14.75 7.15 -5.06
N VAL B 47 14.76 8.46 -5.21
CA VAL B 47 15.81 9.14 -5.93
C VAL B 47 17.15 8.97 -5.23
N ALA B 48 17.12 9.01 -3.92
CA ALA B 48 18.30 8.81 -3.14
C ALA B 48 18.84 7.43 -3.33
N GLU B 49 18.01 6.43 -3.41
CA GLU B 49 18.50 5.11 -3.66
C GLU B 49 19.17 5.03 -4.99
N TYR B 50 18.60 5.66 -5.99
CA TYR B 50 19.16 5.65 -7.30
C TYR B 50 20.46 6.36 -7.39
N GLU B 51 20.56 7.50 -6.72
CA GLU B 51 21.79 8.25 -6.69
C GLU B 51 22.90 7.51 -6.03
N ALA B 52 22.58 6.77 -5.00
CA ALA B 52 23.58 5.96 -4.39
C ALA B 52 24.09 4.94 -5.35
N LEU B 53 23.22 4.31 -6.10
CA LEU B 53 23.65 3.31 -7.04
C LEU B 53 24.53 3.93 -8.10
N ILE B 54 24.14 5.07 -8.61
CA ILE B 54 24.88 5.69 -9.65
C ILE B 54 26.29 6.03 -9.21
N ARG B 55 26.40 6.58 -8.01
CA ARG B 55 27.67 6.91 -7.46
C ARG B 55 28.54 5.69 -7.26
N ALA B 56 27.94 4.63 -6.82
CA ALA B 56 28.69 3.44 -6.59
C ALA B 56 29.26 2.97 -7.90
N LEU B 57 28.45 3.03 -8.92
CA LEU B 57 28.86 2.62 -10.25
C LEU B 57 29.98 3.48 -10.81
N GLU B 58 29.85 4.77 -10.53
CA GLU B 58 30.82 5.80 -10.74
C GLU B 58 32.13 5.44 -10.09
N ASP B 59 32.08 5.25 -8.79
CA ASP B 59 33.23 4.85 -8.03
C ASP B 59 33.94 3.63 -8.64
N LEU B 60 33.20 2.70 -9.20
CA LEU B 60 33.78 1.51 -9.81
C LEU B 60 34.92 1.80 -10.74
N GLN B 61 34.98 3.00 -11.27
CA GLN B 61 36.09 3.35 -12.13
C GLN B 61 37.40 3.42 -11.39
N MET B 62 37.39 3.95 -10.19
CA MET B 62 38.62 4.08 -9.42
C MET B 62 39.45 2.82 -9.56
N PHE B 63 38.78 1.75 -9.95
CA PHE B 63 39.48 0.54 -10.24
C PHE B 63 39.96 0.26 -11.60
N GLY B 64 40.43 1.32 -12.22
CA GLY B 64 40.90 1.27 -13.57
C GLY B 64 39.74 1.28 -14.50
N ASP B 65 39.96 1.85 -15.68
CA ASP B 65 38.96 1.81 -16.73
C ASP B 65 39.57 1.12 -17.93
N LYS B 66 40.27 0.04 -17.65
CA LYS B 66 40.85 -0.78 -18.68
C LYS B 66 40.46 -2.21 -18.33
N LEU B 67 40.34 -2.49 -17.03
CA LEU B 67 40.17 -3.83 -16.49
C LEU B 67 38.76 -4.28 -16.24
N VAL B 68 38.39 -5.48 -16.67
CA VAL B 68 37.05 -6.01 -16.38
C VAL B 68 36.68 -7.50 -16.54
N ASP B 69 35.38 -7.72 -16.60
CA ASP B 69 34.72 -8.98 -16.92
C ASP B 69 34.51 -9.82 -15.68
N MET B 70 34.95 -9.28 -14.55
CA MET B 70 34.66 -9.86 -13.25
C MET B 70 33.42 -9.30 -12.58
N GLU B 71 32.51 -10.20 -12.27
CA GLU B 71 31.15 -9.91 -11.82
C GLU B 71 31.04 -8.78 -10.82
N VAL B 72 29.91 -8.08 -10.84
CA VAL B 72 29.55 -7.24 -9.74
C VAL B 72 28.17 -7.52 -9.19
N GLU B 73 28.06 -7.68 -7.89
CA GLU B 73 26.79 -7.90 -7.26
C GLU B 73 26.48 -6.68 -6.47
N VAL B 74 25.36 -6.08 -6.74
CA VAL B 74 24.95 -4.96 -5.96
C VAL B 74 23.87 -5.41 -5.01
N ARG B 75 24.02 -5.06 -3.75
CA ARG B 75 22.99 -5.32 -2.77
C ARG B 75 22.49 -4.04 -2.17
N MET B 76 21.19 -3.84 -2.19
CA MET B 76 20.63 -2.72 -1.50
C MET B 76 19.38 -3.05 -0.72
N ASN B 77 19.08 -2.28 0.29
CA ASN B 77 17.83 -2.44 1.00
C ASN B 77 16.73 -1.66 0.30
N SER B 78 16.41 -2.04 -0.92
CA SER B 78 15.30 -1.43 -1.60
C SER B 78 14.72 -2.36 -2.59
N GLU B 79 13.58 -2.92 -2.31
CA GLU B 79 12.99 -3.78 -3.26
C GLU B 79 12.65 -3.12 -4.58
N LEU B 80 12.11 -1.92 -4.56
CA LEU B 80 11.70 -1.23 -5.76
C LEU B 80 12.78 -1.07 -6.80
N ILE B 81 13.91 -0.51 -6.42
CA ILE B 81 14.98 -0.27 -7.34
C ILE B 81 15.62 -1.55 -7.79
N VAL B 82 15.66 -2.53 -6.94
CA VAL B 82 16.21 -3.82 -7.32
C VAL B 82 15.36 -4.55 -8.32
N ARG B 83 14.06 -4.58 -8.14
CA ARG B 83 13.19 -5.18 -9.13
C ARG B 83 13.22 -4.43 -10.44
N GLN B 84 13.25 -3.11 -10.35
CA GLN B 84 13.24 -2.31 -11.53
C GLN B 84 14.50 -2.61 -12.31
N MET B 85 15.60 -2.73 -11.62
CA MET B 85 16.85 -3.12 -12.22
C MET B 85 16.78 -4.52 -12.79
N GLN B 86 16.01 -5.37 -12.15
CA GLN B 86 15.82 -6.74 -12.58
C GLN B 86 14.83 -6.89 -13.72
N GLY B 87 14.11 -5.84 -14.02
CA GLY B 87 13.14 -5.87 -15.09
C GLY B 87 11.84 -6.47 -14.63
N VAL B 88 11.81 -6.89 -13.38
CA VAL B 88 10.61 -7.38 -12.74
C VAL B 88 9.52 -6.36 -12.53
N TYR B 89 9.90 -5.14 -12.20
CA TYR B 89 8.99 -4.08 -11.88
C TYR B 89 9.20 -3.09 -12.95
N LYS B 90 8.16 -2.41 -13.38
CA LYS B 90 8.30 -1.36 -14.35
C LYS B 90 8.85 -0.13 -13.70
N VAL B 91 9.39 0.78 -14.49
CA VAL B 91 9.67 2.11 -14.02
C VAL B 91 8.79 3.11 -14.71
N LYS B 92 7.96 3.76 -13.92
CA LYS B 92 6.98 4.69 -14.41
C LYS B 92 7.26 6.16 -14.15
N GLU B 93 7.68 6.46 -12.93
CA GLU B 93 7.90 7.83 -12.56
C GLU B 93 9.01 8.41 -13.38
N PRO B 94 8.80 9.60 -13.89
CA PRO B 94 9.70 10.19 -14.86
C PRO B 94 11.10 10.42 -14.39
N THR B 95 11.28 10.99 -13.22
CA THR B 95 12.59 11.24 -12.69
C THR B 95 13.33 9.95 -12.45
N LEU B 96 12.61 8.95 -11.97
CA LEU B 96 13.18 7.63 -11.78
C LEU B 96 13.58 6.99 -13.10
N LYS B 97 12.80 7.26 -14.13
CA LYS B 97 13.09 6.82 -15.46
C LYS B 97 14.41 7.40 -15.92
N GLU B 98 14.68 8.62 -15.53
CA GLU B 98 15.96 9.22 -15.84
C GLU B 98 17.12 8.52 -15.18
N LYS B 99 17.02 8.17 -13.92
CA LYS B 99 18.11 7.50 -13.27
C LYS B 99 18.36 6.15 -13.87
N PHE B 100 17.31 5.48 -14.23
CA PHE B 100 17.38 4.17 -14.81
C PHE B 100 18.11 4.20 -16.13
N ALA B 101 17.86 5.23 -16.91
CA ALA B 101 18.52 5.42 -18.16
C ALA B 101 19.99 5.64 -17.94
N LYS B 102 20.32 6.40 -16.91
CA LYS B 102 21.70 6.64 -16.65
C LYS B 102 22.37 5.34 -16.32
N ILE B 103 21.76 4.58 -15.44
CA ILE B 103 22.33 3.33 -15.03
C ILE B 103 22.42 2.38 -16.19
N ALA B 104 21.42 2.35 -17.04
CA ALA B 104 21.47 1.45 -18.16
C ALA B 104 22.64 1.83 -19.04
N HIS B 105 22.88 3.10 -19.17
CA HIS B 105 23.93 3.51 -20.02
C HIS B 105 25.24 3.02 -19.49
N ILE B 106 25.41 3.12 -18.20
CA ILE B 106 26.63 2.74 -17.57
C ILE B 106 26.90 1.28 -17.68
N LYS B 107 25.86 0.48 -17.59
CA LYS B 107 26.01 -0.93 -17.71
C LYS B 107 26.54 -1.24 -19.08
N MET B 108 25.93 -0.65 -20.07
CA MET B 108 26.32 -0.88 -21.42
C MET B 108 27.74 -0.44 -21.63
N GLU B 109 28.06 0.78 -21.26
CA GLU B 109 29.42 1.24 -21.46
C GLU B 109 30.49 0.54 -20.66
N ARG B 110 30.31 0.45 -19.37
CA ARG B 110 31.41 0.00 -18.56
C ARG B 110 31.23 -1.20 -17.64
N VAL B 111 29.99 -1.62 -17.43
CA VAL B 111 29.71 -2.70 -16.50
C VAL B 111 28.67 -3.65 -16.98
N PRO B 112 28.98 -4.54 -17.90
CA PRO B 112 28.00 -5.51 -18.40
C PRO B 112 27.51 -6.53 -17.35
N ASN B 113 28.39 -6.92 -16.47
CA ASN B 113 28.09 -7.88 -15.43
C ASN B 113 27.51 -7.34 -14.15
N LEU B 114 26.29 -6.87 -14.16
CA LEU B 114 25.77 -6.28 -12.95
C LEU B 114 24.62 -7.09 -12.45
N VAL B 115 24.71 -7.53 -11.21
CA VAL B 115 23.66 -8.33 -10.61
C VAL B 115 23.14 -7.65 -9.40
N PHE B 116 21.84 -7.66 -9.20
CA PHE B 116 21.24 -6.93 -8.09
C PHE B 116 20.54 -7.82 -7.10
N VAL B 117 20.74 -7.59 -5.83
CA VAL B 117 20.08 -8.36 -4.81
C VAL B 117 19.48 -7.50 -3.73
N HIS B 118 18.21 -7.68 -3.43
CA HIS B 118 17.62 -7.03 -2.29
C HIS B 118 18.04 -7.70 -1.00
N ILE B 119 18.33 -6.91 0.01
CA ILE B 119 18.75 -7.39 1.29
C ILE B 119 17.99 -6.63 2.34
N PRO B 120 17.86 -7.19 3.53
CA PRO B 120 17.13 -6.56 4.60
C PRO B 120 17.93 -5.48 5.28
N ARG B 121 17.29 -4.66 6.09
CA ARG B 121 17.91 -3.46 6.58
C ARG B 121 19.15 -3.80 7.32
N GLU B 122 19.15 -4.92 7.99
CA GLU B 122 20.21 -5.30 8.88
C GLU B 122 21.54 -5.51 8.21
N LYS B 123 21.54 -6.03 7.01
CA LYS B 123 22.76 -6.36 6.29
C LYS B 123 23.50 -5.13 5.79
N ASN B 124 22.88 -3.98 5.94
CA ASN B 124 23.39 -2.75 5.36
C ASN B 124 23.60 -1.55 6.25
N ALA B 125 24.02 -1.78 7.48
CA ALA B 125 24.23 -0.72 8.44
C ALA B 125 25.32 0.26 8.10
N ARG B 126 26.38 -0.23 7.51
CA ARG B 126 27.48 0.68 7.18
C ARG B 126 27.08 1.72 6.16
N ALA B 127 26.38 1.31 5.12
CA ALA B 127 25.94 2.27 4.14
C ALA B 127 24.97 3.23 4.74
N ASP B 128 24.08 2.74 5.55
CA ASP B 128 23.16 3.60 6.25
C ASP B 128 23.87 4.52 7.21
N GLU B 129 24.98 4.07 7.76
CA GLU B 129 25.78 4.91 8.59
C GLU B 129 26.29 6.04 7.74
N LEU B 130 26.78 5.70 6.57
CA LEU B 130 27.34 6.67 5.67
C LEU B 130 26.33 7.67 5.23
N VAL B 131 25.11 7.26 4.95
CA VAL B 131 24.12 8.23 4.56
C VAL B 131 23.86 9.22 5.66
N ASN B 132 23.69 8.75 6.86
CA ASN B 132 23.46 9.64 7.97
C ASN B 132 24.61 10.56 8.32
N GLU B 133 25.83 10.08 8.17
CA GLU B 133 26.98 10.90 8.46
C GLU B 133 26.93 12.13 7.55
N ALA B 134 26.63 11.92 6.30
CA ALA B 134 26.49 12.98 5.35
C ALA B 134 25.35 13.92 5.63
N ILE B 135 24.20 13.40 5.98
CA ILE B 135 23.11 14.27 6.30
C ILE B 135 23.34 15.10 7.55
N ASP B 136 23.87 14.51 8.60
CA ASP B 136 24.03 15.23 9.85
C ASP B 136 24.97 16.38 9.66
N LYS B 137 26.07 16.13 8.97
CA LYS B 137 27.06 17.13 8.76
C LYS B 137 26.55 18.30 7.98
N ALA B 138 25.79 18.05 6.95
CA ALA B 138 25.24 19.09 6.12
C ALA B 138 24.22 19.94 6.84
N LEU B 139 23.51 19.33 7.76
CA LEU B 139 22.45 20.03 8.42
C LEU B 139 23.00 20.80 9.58
N SER B 140 24.16 20.38 10.02
CA SER B 140 24.85 21.02 11.12
C SER B 140 25.45 22.36 10.71
#